data_7OQG
#
_entry.id   7OQG
#
_cell.length_a   82.810
_cell.length_b   111.321
_cell.length_c   61.769
_cell.angle_alpha   90.000
_cell.angle_beta   90.000
_cell.angle_gamma   90.000
#
_symmetry.space_group_name_H-M   'C 2 2 21'
#
loop_
_entity.id
_entity.type
_entity.pdbx_description
1 polymer '14-3-3 protein sigma'
2 polymer 'Amot-p130 phosphopeptide (pS175)'
3 non-polymer ~{N}-[(5-carbamimidoyl-3-phenyl-thiophen-2-yl)methyl]-2,3-dihydro-1-benzofuran-5-carboxamide
4 non-polymer BETA-MERCAPTOETHANOL
5 non-polymer 'MAGNESIUM ION'
6 water water
#
loop_
_entity_poly.entity_id
_entity_poly.type
_entity_poly.pdbx_seq_one_letter_code
_entity_poly.pdbx_strand_id
1 'polypeptide(L)'
;GAMGSMERASLIQKAKLAEQAERYEDMAAFMKGAVEKGEELSCEERNLLSVAYKNVVGGQRAAWRVLSSIEQKSNEEGSE
EKGPEVREYREKVETELQGVCDTVLGLLDSHLIKEAGDAESRVFYLKMKGDYYRYLAEVATGDDKKRIIDSARSAYQEAM
DISKKEMPPTNPIRLGLALNFSVFHYEIANSPEEAISLAKTTFDEAMADLHTLSEDSYKDSTLIMQLLRDNLTLWTADNA
GEEGGEAPQEPQS
;
A
2 'polypeptide(L)' GHVRSL(SEP)ERLMQM P
#
# COMPACT_ATOMS: atom_id res chain seq x y z
N GLY A 1 17.91 -13.73 8.62
CA GLY A 1 16.87 -14.19 7.65
C GLY A 1 17.03 -15.64 7.26
N ALA A 2 15.93 -16.39 7.33
CA ALA A 2 15.93 -17.78 6.88
C ALA A 2 16.09 -17.91 5.39
N MET A 3 16.02 -16.80 4.65
CA MET A 3 16.28 -16.81 3.22
C MET A 3 17.69 -16.39 2.89
N GLY A 4 18.53 -16.16 3.89
CA GLY A 4 19.87 -15.69 3.64
C GLY A 4 20.74 -16.66 2.86
N SER A 5 20.41 -17.95 2.89
CA SER A 5 21.22 -18.92 2.15
C SER A 5 20.78 -19.11 0.71
N MET A 6 19.70 -18.46 0.27
CA MET A 6 19.21 -18.63 -1.08
C MET A 6 19.68 -17.49 -1.98
N GLU A 7 20.07 -17.84 -3.19
CA GLU A 7 20.46 -16.85 -4.19
C GLU A 7 19.34 -15.86 -4.46
N ARG A 8 19.72 -14.60 -4.71
CA ARG A 8 18.73 -13.58 -5.03
C ARG A 8 17.87 -13.99 -6.23
N ALA A 9 18.48 -14.48 -7.31
CA ALA A 9 17.71 -14.86 -8.49
C ALA A 9 16.72 -15.97 -8.17
N SER A 10 17.09 -16.89 -7.28
CA SER A 10 16.18 -17.99 -6.93
C SER A 10 15.03 -17.48 -6.08
N LEU A 11 15.28 -16.51 -5.21
CA LEU A 11 14.20 -15.90 -4.41
C LEU A 11 13.20 -15.21 -5.32
N ILE A 12 13.67 -14.45 -6.31
CA ILE A 12 12.76 -13.79 -7.24
C ILE A 12 11.96 -14.81 -8.04
N GLN A 13 12.63 -15.87 -8.53
CA GLN A 13 11.90 -16.88 -9.30
C GLN A 13 10.84 -17.56 -8.44
N LYS A 14 11.17 -17.87 -7.20
CA LYS A 14 10.21 -18.53 -6.32
C LYS A 14 9.08 -17.58 -5.91
N ALA A 15 9.34 -16.27 -5.78
CA ALA A 15 8.25 -15.33 -5.54
C ALA A 15 7.25 -15.37 -6.68
N LYS A 16 7.73 -15.43 -7.93
CA LYS A 16 6.85 -15.50 -9.08
C LYS A 16 6.05 -16.80 -9.10
N LEU A 17 6.68 -17.90 -8.69
CA LEU A 17 5.96 -19.19 -8.59
C LEU A 17 4.91 -19.14 -7.49
N ALA A 18 5.29 -18.59 -6.33
CA ALA A 18 4.35 -18.47 -5.22
C ALA A 18 3.13 -17.63 -5.62
N GLU A 19 3.33 -16.56 -6.39
CA GLU A 19 2.20 -15.78 -6.86
C GLU A 19 1.25 -16.64 -7.71
N GLN A 20 1.82 -17.41 -8.65
CA GLN A 20 0.98 -18.25 -9.51
C GLN A 20 0.21 -19.28 -8.69
N ALA A 21 0.81 -19.76 -7.61
CA ALA A 21 0.23 -20.74 -6.70
C ALA A 21 -0.68 -20.12 -5.64
N GLU A 22 -0.81 -18.80 -5.63
CA GLU A 22 -1.61 -18.06 -4.63
C GLU A 22 -1.14 -18.34 -3.21
N ARG A 23 0.19 -18.46 -3.04
CA ARG A 23 0.85 -18.69 -1.77
C ARG A 23 1.51 -17.37 -1.35
N TYR A 24 0.68 -16.44 -0.86
CA TYR A 24 1.17 -15.08 -0.71
C TYR A 24 2.07 -14.92 0.50
N GLU A 25 1.88 -15.71 1.55
N GLU A 25 1.90 -15.72 1.56
CA GLU A 25 2.82 -15.68 2.67
CA GLU A 25 2.83 -15.65 2.67
C GLU A 25 4.20 -16.11 2.22
C GLU A 25 4.21 -16.12 2.23
N ASP A 26 4.28 -17.19 1.43
CA ASP A 26 5.55 -17.61 0.88
C ASP A 26 6.13 -16.52 -0.01
N MET A 27 5.29 -15.91 -0.85
CA MET A 27 5.73 -14.87 -1.77
C MET A 27 6.35 -13.73 -1.00
N ALA A 28 5.71 -13.31 0.08
CA ALA A 28 6.24 -12.21 0.88
C ALA A 28 7.57 -12.60 1.51
N ALA A 29 7.68 -13.82 2.02
CA ALA A 29 8.94 -14.25 2.62
C ALA A 29 10.06 -14.23 1.59
N PHE A 30 9.79 -14.72 0.38
CA PHE A 30 10.79 -14.72 -0.67
C PHE A 30 11.22 -13.30 -1.02
N MET A 31 10.25 -12.39 -1.12
CA MET A 31 10.58 -11.02 -1.49
C MET A 31 11.31 -10.29 -0.36
N LYS A 32 10.97 -10.58 0.91
CA LYS A 32 11.76 -10.04 2.02
C LYS A 32 13.20 -10.51 1.93
N GLY A 33 13.41 -11.78 1.60
CA GLY A 33 14.75 -12.30 1.41
C GLY A 33 15.48 -11.57 0.30
N ALA A 34 14.80 -11.32 -0.82
CA ALA A 34 15.43 -10.61 -1.92
C ALA A 34 15.80 -9.18 -1.52
N VAL A 35 14.91 -8.47 -0.83
CA VAL A 35 15.23 -7.11 -0.41
C VAL A 35 16.47 -7.11 0.47
N GLU A 36 16.56 -8.07 1.39
CA GLU A 36 17.65 -8.09 2.37
C GLU A 36 18.99 -8.43 1.74
N LYS A 37 19.03 -8.85 0.47
CA LYS A 37 20.30 -8.96 -0.24
C LYS A 37 20.97 -7.61 -0.43
N GLY A 38 20.23 -6.51 -0.38
CA GLY A 38 20.81 -5.20 -0.39
C GLY A 38 20.98 -4.55 -1.73
N GLU A 39 20.40 -5.12 -2.78
CA GLU A 39 20.51 -4.57 -4.14
C GLU A 39 19.18 -3.95 -4.56
N GLU A 40 19.22 -3.18 -5.65
CA GLU A 40 18.03 -2.54 -6.20
C GLU A 40 16.95 -3.58 -6.43
N LEU A 41 15.69 -3.17 -6.25
CA LEU A 41 14.57 -3.89 -6.85
C LEU A 41 14.15 -3.16 -8.12
N SER A 42 14.02 -3.91 -9.20
CA SER A 42 13.51 -3.42 -10.46
C SER A 42 12.02 -3.10 -10.31
N CYS A 43 11.45 -2.44 -11.33
CA CYS A 43 10.00 -2.20 -11.33
C CYS A 43 9.21 -3.49 -11.12
N GLU A 44 9.53 -4.54 -11.86
CA GLU A 44 8.82 -5.81 -11.70
C GLU A 44 8.96 -6.32 -10.28
N GLU A 45 10.17 -6.27 -9.71
CA GLU A 45 10.40 -6.76 -8.36
C GLU A 45 9.69 -5.92 -7.31
N ARG A 46 9.60 -4.60 -7.51
CA ARG A 46 8.84 -3.77 -6.58
C ARG A 46 7.37 -4.15 -6.60
N ASN A 47 6.84 -4.40 -7.80
CA ASN A 47 5.47 -4.90 -7.91
C ASN A 47 5.30 -6.23 -7.19
N LEU A 48 6.25 -7.16 -7.33
CA LEU A 48 6.16 -8.43 -6.61
C LEU A 48 6.13 -8.21 -5.10
N LEU A 49 7.02 -7.36 -4.58
CA LEU A 49 7.01 -7.06 -3.15
C LEU A 49 5.67 -6.52 -2.70
N SER A 50 5.15 -5.54 -3.43
CA SER A 50 3.89 -4.91 -3.05
C SER A 50 2.73 -5.88 -3.12
N VAL A 51 2.65 -6.69 -4.18
CA VAL A 51 1.54 -7.63 -4.31
C VAL A 51 1.56 -8.63 -3.16
N ALA A 52 2.74 -9.09 -2.79
CA ALA A 52 2.84 -10.12 -1.77
C ALA A 52 2.32 -9.60 -0.44
N TYR A 53 2.87 -8.47 0.03
CA TYR A 53 2.45 -7.97 1.32
C TYR A 53 1.03 -7.43 1.29
N LYS A 54 0.57 -6.90 0.16
CA LYS A 54 -0.82 -6.45 0.09
C LYS A 54 -1.78 -7.60 0.32
N ASN A 55 -1.47 -8.77 -0.24
CA ASN A 55 -2.35 -9.92 -0.06
C ASN A 55 -2.28 -10.44 1.37
N VAL A 56 -1.08 -10.52 1.95
CA VAL A 56 -0.96 -10.97 3.34
C VAL A 56 -1.73 -10.04 4.27
N VAL A 57 -1.43 -8.73 4.23
CA VAL A 57 -2.08 -7.82 5.15
C VAL A 57 -3.56 -7.69 4.80
N GLY A 58 -3.93 -7.90 3.54
CA GLY A 58 -5.33 -7.81 3.16
C GLY A 58 -6.17 -8.85 3.87
N GLY A 59 -5.66 -10.09 3.94
CA GLY A 59 -6.39 -11.12 4.64
C GLY A 59 -6.49 -10.83 6.13
N GLN A 60 -5.43 -10.26 6.69
CA GLN A 60 -5.44 -9.92 8.10
C GLN A 60 -6.43 -8.80 8.39
N ARG A 61 -6.47 -7.78 7.53
CA ARG A 61 -7.40 -6.67 7.71
C ARG A 61 -8.83 -7.16 7.61
N ALA A 62 -9.12 -8.03 6.65
CA ALA A 62 -10.47 -8.54 6.51
C ALA A 62 -10.87 -9.34 7.75
N ALA A 63 -9.97 -10.17 8.26
CA ALA A 63 -10.26 -10.91 9.48
C ALA A 63 -10.48 -9.97 10.66
N TRP A 64 -9.60 -8.99 10.82
CA TRP A 64 -9.73 -8.03 11.92
C TRP A 64 -11.06 -7.32 11.87
N ARG A 65 -11.52 -6.95 10.67
CA ARG A 65 -12.80 -6.25 10.57
C ARG A 65 -13.94 -7.14 10.99
N VAL A 66 -13.93 -8.41 10.58
CA VAL A 66 -14.97 -9.34 11.01
C VAL A 66 -14.99 -9.44 12.53
N LEU A 67 -13.83 -9.64 13.13
CA LEU A 67 -13.77 -9.84 14.57
C LEU A 67 -14.13 -8.58 15.34
N SER A 68 -13.66 -7.42 14.86
N SER A 68 -13.67 -7.41 14.86
CA SER A 68 -14.00 -6.16 15.52
CA SER A 68 -14.02 -6.17 15.53
C SER A 68 -15.51 -5.91 15.49
C SER A 68 -15.52 -5.92 15.49
N SER A 69 -16.16 -6.25 14.37
CA SER A 69 -17.62 -6.10 14.29
C SER A 69 -18.32 -7.00 15.30
N ILE A 70 -17.87 -8.24 15.44
CA ILE A 70 -18.45 -9.16 16.41
C ILE A 70 -18.21 -8.64 17.82
N GLU A 71 -16.99 -8.14 18.09
CA GLU A 71 -16.65 -7.63 19.41
C GLU A 71 -17.53 -6.44 19.76
N GLN A 72 -17.80 -5.57 18.80
CA GLN A 72 -18.64 -4.39 19.06
C GLN A 72 -20.05 -4.80 19.44
N LYS A 73 -20.64 -5.74 18.69
CA LYS A 73 -21.99 -6.20 19.01
C LYS A 73 -22.05 -6.81 20.41
N SER A 74 -21.05 -7.61 20.77
CA SER A 74 -20.98 -8.16 22.12
C SER A 74 -20.96 -7.08 23.19
N ASN A 75 -20.75 -5.83 22.82
CA ASN A 75 -20.80 -4.71 23.76
C ASN A 75 -22.00 -3.82 23.44
N GLY A 83 -17.63 -13.79 27.39
CA GLY A 83 -16.29 -14.09 27.87
C GLY A 83 -15.23 -13.30 27.14
N PRO A 84 -13.96 -13.57 27.45
CA PRO A 84 -12.86 -12.80 26.84
C PRO A 84 -12.48 -13.24 25.43
N GLU A 85 -13.15 -14.24 24.86
CA GLU A 85 -12.58 -14.92 23.69
C GLU A 85 -12.55 -14.02 22.44
N VAL A 86 -13.62 -13.28 22.15
CA VAL A 86 -13.62 -12.46 20.94
C VAL A 86 -12.52 -11.40 21.02
N ARG A 87 -12.43 -10.70 22.16
CA ARG A 87 -11.37 -9.72 22.35
C ARG A 87 -10.00 -10.36 22.21
N GLU A 88 -9.80 -11.51 22.85
CA GLU A 88 -8.50 -12.16 22.82
C GLU A 88 -8.11 -12.48 21.38
N TYR A 89 -9.05 -13.03 20.61
CA TYR A 89 -8.69 -13.45 19.25
C TYR A 89 -8.51 -12.24 18.34
N ARG A 90 -9.36 -11.23 18.46
CA ARG A 90 -9.13 -9.97 17.75
C ARG A 90 -7.75 -9.40 18.06
N GLU A 91 -7.35 -9.42 19.34
CA GLU A 91 -6.04 -8.93 19.72
C GLU A 91 -4.93 -9.77 19.08
N LYS A 92 -5.12 -11.09 18.99
CA LYS A 92 -4.13 -11.95 18.33
C LYS A 92 -3.93 -11.57 16.87
N VAL A 93 -5.04 -11.46 16.13
CA VAL A 93 -4.97 -11.06 14.73
C VAL A 93 -4.37 -9.67 14.59
N GLU A 94 -4.79 -8.74 15.46
CA GLU A 94 -4.25 -7.38 15.45
C GLU A 94 -2.74 -7.38 15.61
N THR A 95 -2.22 -8.16 16.58
CA THR A 95 -0.78 -8.22 16.80
C THR A 95 -0.05 -8.78 15.58
N GLU A 96 -0.61 -9.80 14.95
CA GLU A 96 -0.01 -10.37 13.74
CA GLU A 96 0.02 -10.36 13.75
C GLU A 96 0.03 -9.36 12.62
N LEU A 97 -1.06 -8.60 12.47
CA LEU A 97 -1.15 -7.55 11.44
C LEU A 97 -0.12 -6.47 11.69
N GLN A 98 -0.01 -6.01 12.94
CA GLN A 98 0.98 -5.00 13.27
C GLN A 98 2.38 -5.52 12.98
N GLY A 99 2.63 -6.79 13.25
CA GLY A 99 3.94 -7.35 12.98
C GLY A 99 4.31 -7.34 11.51
N VAL A 100 3.34 -7.63 10.63
CA VAL A 100 3.60 -7.60 9.19
C VAL A 100 3.87 -6.16 8.76
N CYS A 101 3.06 -5.21 9.22
CA CYS A 101 3.29 -3.82 8.87
C CYS A 101 4.65 -3.34 9.36
N ASP A 102 5.03 -3.70 10.59
CA ASP A 102 6.36 -3.33 11.11
C ASP A 102 7.46 -3.92 10.24
N THR A 103 7.28 -5.15 9.78
CA THR A 103 8.27 -5.80 8.92
C THR A 103 8.44 -5.01 7.62
N VAL A 104 7.33 -4.64 7.00
CA VAL A 104 7.41 -3.90 5.74
C VAL A 104 8.06 -2.54 5.97
N LEU A 105 7.62 -1.81 7.00
CA LEU A 105 8.19 -0.52 7.31
C LEU A 105 9.67 -0.62 7.61
N GLY A 106 10.09 -1.73 8.23
CA GLY A 106 11.51 -1.95 8.47
C GLY A 106 12.32 -2.14 7.21
N LEU A 107 11.79 -2.89 6.22
CA LEU A 107 12.47 -3.02 4.94
C LEU A 107 12.59 -1.65 4.26
N LEU A 108 11.53 -0.84 4.33
CA LEU A 108 11.55 0.47 3.69
C LEU A 108 12.58 1.39 4.36
N ASP A 109 12.65 1.37 5.69
CA ASP A 109 13.57 2.22 6.42
C ASP A 109 15.01 1.69 6.45
N SER A 110 15.22 0.39 6.20
CA SER A 110 16.57 -0.22 6.23
C SER A 110 16.70 -1.23 5.08
N HIS A 111 16.94 -0.76 3.84
CA HIS A 111 17.31 0.60 3.47
C HIS A 111 16.72 0.96 2.13
N LEU A 112 15.53 0.46 1.83
CA LEU A 112 15.00 0.65 0.47
C LEU A 112 14.88 2.12 0.10
N ILE A 113 14.31 2.95 0.99
CA ILE A 113 14.05 4.33 0.63
C ILE A 113 15.35 5.10 0.44
N LYS A 114 16.29 5.03 1.39
CA LYS A 114 17.50 5.81 1.24
C LYS A 114 18.31 5.37 0.02
N GLU A 115 18.24 4.10 -0.36
CA GLU A 115 18.97 3.59 -1.50
C GLU A 115 18.21 3.75 -2.82
N ALA A 116 17.02 4.33 -2.79
CA ALA A 116 16.23 4.52 -4.00
C ALA A 116 16.73 5.74 -4.75
N GLY A 117 17.60 5.51 -5.73
CA GLY A 117 18.36 6.56 -6.35
C GLY A 117 17.71 7.26 -7.53
N ASP A 118 16.40 7.12 -7.71
CA ASP A 118 15.69 7.92 -8.70
C ASP A 118 14.25 8.12 -8.23
N ALA A 119 13.53 9.00 -8.92
CA ALA A 119 12.20 9.37 -8.46
C ALA A 119 11.24 8.20 -8.53
N GLU A 120 11.26 7.43 -9.61
CA GLU A 120 10.35 6.31 -9.80
C GLU A 120 10.41 5.37 -8.60
N SER A 121 11.62 5.03 -8.16
CA SER A 121 11.73 4.05 -7.08
C SER A 121 11.41 4.70 -5.75
N ARG A 122 11.85 5.93 -5.51
CA ARG A 122 11.59 6.59 -4.24
C ARG A 122 10.09 6.80 -4.04
N VAL A 123 9.37 7.22 -5.10
CA VAL A 123 7.92 7.41 -4.96
C VAL A 123 7.24 6.10 -4.62
N PHE A 124 7.64 5.01 -5.27
CA PHE A 124 7.02 3.71 -5.04
C PHE A 124 7.15 3.35 -3.56
N TYR A 125 8.34 3.49 -3.00
CA TYR A 125 8.56 3.06 -1.62
C TYR A 125 7.88 3.99 -0.63
N LEU A 126 7.86 5.31 -0.90
CA LEU A 126 7.16 6.23 -0.01
C LEU A 126 5.65 6.00 -0.03
N LYS A 127 5.07 5.67 -1.19
CA LYS A 127 3.68 5.23 -1.24
C LYS A 127 3.47 4.01 -0.34
N MET A 128 4.37 3.02 -0.44
CA MET A 128 4.24 1.86 0.43
C MET A 128 4.30 2.25 1.89
N LYS A 129 5.20 3.18 2.24
CA LYS A 129 5.33 3.62 3.62
C LYS A 129 4.02 4.25 4.11
N GLY A 130 3.39 5.07 3.30
CA GLY A 130 2.09 5.61 3.65
C GLY A 130 1.04 4.53 3.85
N ASP A 131 1.02 3.54 2.95
CA ASP A 131 0.03 2.46 3.01
C ASP A 131 0.16 1.68 4.31
N TYR A 132 1.38 1.29 4.68
CA TYR A 132 1.54 0.41 5.85
C TYR A 132 1.38 1.19 7.16
N TYR A 133 1.69 2.49 7.19
CA TYR A 133 1.25 3.28 8.34
C TYR A 133 -0.26 3.43 8.36
N ARG A 134 -0.89 3.58 7.19
CA ARG A 134 -2.36 3.64 7.16
C ARG A 134 -2.97 2.36 7.73
N TYR A 135 -2.44 1.19 7.38
CA TYR A 135 -3.00 -0.05 7.91
C TYR A 135 -2.79 -0.13 9.41
N LEU A 136 -1.65 0.35 9.91
CA LEU A 136 -1.46 0.45 11.35
C LEU A 136 -2.50 1.38 11.98
N ALA A 137 -2.79 2.50 11.32
CA ALA A 137 -3.76 3.46 11.86
C ALA A 137 -5.15 2.86 11.98
N GLU A 138 -5.52 1.97 11.07
CA GLU A 138 -6.85 1.37 11.11
C GLU A 138 -7.11 0.65 12.43
N VAL A 139 -6.07 0.12 13.07
CA VAL A 139 -6.26 -0.66 14.28
C VAL A 139 -5.74 0.05 15.52
N ALA A 140 -5.19 1.24 15.37
CA ALA A 140 -4.60 1.95 16.49
C ALA A 140 -5.64 2.72 17.28
N THR A 141 -5.27 3.06 18.51
CA THR A 141 -6.09 3.88 19.38
C THR A 141 -5.22 4.97 20.03
N ASP A 144 -1.31 8.00 20.00
CA ASP A 144 -0.63 6.86 19.37
C ASP A 144 -1.16 6.63 17.95
N LYS A 145 -2.46 6.50 17.83
CA LYS A 145 -3.08 6.64 16.51
C LYS A 145 -2.72 7.98 15.91
N LYS A 146 -2.62 9.02 16.74
CA LYS A 146 -2.28 10.34 16.26
C LYS A 146 -0.92 10.37 15.59
N ARG A 147 0.08 9.76 16.23
CA ARG A 147 1.43 9.72 15.67
C ARG A 147 1.45 8.95 14.35
N ILE A 148 0.74 7.83 14.30
CA ILE A 148 0.77 7.00 13.10
C ILE A 148 0.14 7.75 11.95
N ILE A 149 -0.97 8.44 12.20
CA ILE A 149 -1.63 9.21 11.16
C ILE A 149 -0.69 10.24 10.58
N ASP A 150 0.05 10.93 11.44
CA ASP A 150 0.99 11.94 10.97
C ASP A 150 2.11 11.30 10.15
N SER A 151 2.59 10.11 10.55
CA SER A 151 3.62 9.46 9.77
C SER A 151 3.10 9.07 8.40
N ALA A 152 1.87 8.57 8.32
CA ALA A 152 1.32 8.21 7.02
C ALA A 152 1.18 9.43 6.14
N ARG A 153 0.60 10.51 6.68
CA ARG A 153 0.41 11.72 5.88
C ARG A 153 1.74 12.25 5.37
N SER A 154 2.77 12.24 6.22
N SER A 154 2.77 12.24 6.22
CA SER A 154 4.07 12.77 5.81
CA SER A 154 4.08 12.77 5.81
C SER A 154 4.68 11.95 4.68
C SER A 154 4.69 11.95 4.68
N ALA A 155 4.59 10.63 4.74
CA ALA A 155 5.14 9.80 3.68
C ALA A 155 4.38 10.00 2.37
N TYR A 156 3.05 9.97 2.43
CA TYR A 156 2.25 10.20 1.24
C TYR A 156 2.55 11.56 0.63
N GLN A 157 2.66 12.60 1.46
CA GLN A 157 2.85 13.94 0.93
C GLN A 157 4.21 14.09 0.28
N GLU A 158 5.26 13.53 0.88
CA GLU A 158 6.57 13.53 0.22
C GLU A 158 6.49 12.82 -1.12
N ALA A 159 5.82 11.67 -1.16
CA ALA A 159 5.67 10.97 -2.43
C ALA A 159 4.92 11.82 -3.45
N MET A 160 3.85 12.50 -3.04
CA MET A 160 3.09 13.37 -3.93
C MET A 160 3.99 14.46 -4.51
N ASP A 161 4.75 15.14 -3.64
CA ASP A 161 5.60 16.23 -4.08
C ASP A 161 6.58 15.77 -5.16
N ILE A 162 7.22 14.63 -4.94
CA ILE A 162 8.17 14.12 -5.93
C ILE A 162 7.44 13.73 -7.21
N SER A 163 6.31 13.03 -7.08
CA SER A 163 5.59 12.52 -8.24
C SER A 163 5.08 13.65 -9.11
N LYS A 164 4.64 14.75 -8.50
CA LYS A 164 4.15 15.89 -9.29
C LYS A 164 5.30 16.55 -10.06
N LYS A 165 6.52 16.52 -9.51
CA LYS A 165 7.66 17.11 -10.19
C LYS A 165 8.24 16.20 -11.27
N GLU A 166 8.16 14.88 -11.09
CA GLU A 166 8.96 13.95 -11.88
C GLU A 166 8.19 12.94 -12.70
N MET A 167 6.87 12.84 -12.58
CA MET A 167 6.09 11.89 -13.34
C MET A 167 4.92 12.59 -14.01
N PRO A 168 4.47 12.10 -15.16
CA PRO A 168 3.29 12.70 -15.76
C PRO A 168 2.05 12.34 -15.00
N PRO A 169 0.95 13.08 -15.20
CA PRO A 169 -0.26 12.87 -14.42
C PRO A 169 -0.96 11.55 -14.69
N THR A 170 -0.57 10.82 -15.73
CA THR A 170 -1.16 9.54 -16.05
C THR A 170 -0.34 8.36 -15.52
N ASN A 171 0.85 8.61 -14.97
CA ASN A 171 1.70 7.52 -14.51
C ASN A 171 0.95 6.68 -13.47
N PRO A 172 0.89 5.36 -13.63
CA PRO A 172 0.04 4.55 -12.74
C PRO A 172 0.52 4.53 -11.30
N ILE A 173 1.81 4.67 -11.06
CA ILE A 173 2.30 4.76 -9.69
C ILE A 173 1.79 6.05 -9.06
N ARG A 174 1.92 7.17 -9.78
CA ARG A 174 1.39 8.45 -9.32
C ARG A 174 -0.12 8.38 -9.07
N LEU A 175 -0.85 7.76 -10.00
CA LEU A 175 -2.30 7.66 -9.84
C LEU A 175 -2.67 6.80 -8.62
N GLY A 176 -2.01 5.65 -8.45
CA GLY A 176 -2.34 4.80 -7.31
C GLY A 176 -1.95 5.44 -5.99
N LEU A 177 -0.87 6.22 -5.98
CA LEU A 177 -0.51 7.00 -4.80
C LEU A 177 -1.61 7.98 -4.44
N ALA A 178 -2.06 8.75 -5.43
CA ALA A 178 -3.08 9.75 -5.14
C ALA A 178 -4.37 9.08 -4.69
N LEU A 179 -4.75 7.98 -5.33
CA LEU A 179 -5.91 7.22 -4.91
C LEU A 179 -5.81 6.81 -3.44
N ASN A 180 -4.69 6.19 -3.06
CA ASN A 180 -4.57 5.72 -1.69
C ASN A 180 -4.46 6.86 -0.69
N PHE A 181 -3.80 7.96 -1.05
CA PHE A 181 -3.76 9.13 -0.16
C PHE A 181 -5.17 9.68 0.03
N SER A 182 -5.99 9.66 -1.02
CA SER A 182 -7.37 10.15 -0.88
C SER A 182 -8.17 9.25 0.05
N VAL A 183 -7.97 7.92 -0.02
CA VAL A 183 -8.60 7.00 0.91
C VAL A 183 -8.14 7.28 2.34
N PHE A 184 -6.85 7.52 2.53
CA PHE A 184 -6.32 7.94 3.83
C PHE A 184 -7.09 9.15 4.36
N HIS A 185 -7.23 10.19 3.53
CA HIS A 185 -7.93 11.38 4.00
C HIS A 185 -9.35 11.07 4.42
N TYR A 186 -10.07 10.28 3.62
CA TYR A 186 -11.49 10.03 3.87
C TYR A 186 -11.69 9.11 5.07
N GLU A 187 -10.97 7.99 5.10
CA GLU A 187 -11.28 6.92 6.04
C GLU A 187 -10.52 7.02 7.35
N ILE A 188 -9.34 7.64 7.34
CA ILE A 188 -8.44 7.67 8.49
C ILE A 188 -8.40 9.04 9.15
N ALA A 189 -8.18 10.10 8.34
CA ALA A 189 -7.84 11.42 8.85
C ALA A 189 -9.04 12.33 9.06
N ASN A 190 -10.26 11.86 8.84
CA ASN A 190 -11.46 12.67 9.02
C ASN A 190 -11.38 13.95 8.17
N SER A 191 -10.89 13.79 6.95
CA SER A 191 -10.72 14.91 6.02
C SER A 191 -11.40 14.57 4.70
N PRO A 192 -12.73 14.38 4.71
CA PRO A 192 -13.42 14.00 3.47
C PRO A 192 -13.31 15.03 2.37
N GLU A 193 -13.27 16.32 2.72
CA GLU A 193 -13.13 17.34 1.67
C GLU A 193 -11.78 17.24 0.99
N GLU A 194 -10.72 16.98 1.74
CA GLU A 194 -9.39 16.77 1.16
C GLU A 194 -9.40 15.56 0.24
N ALA A 195 -10.05 14.48 0.66
CA ALA A 195 -10.18 13.29 -0.17
C ALA A 195 -10.84 13.59 -1.50
N ILE A 196 -11.98 14.31 -1.46
CA ILE A 196 -12.70 14.66 -2.69
C ILE A 196 -11.85 15.55 -3.57
N SER A 197 -11.21 16.57 -2.99
CA SER A 197 -10.39 17.47 -3.79
CA SER A 197 -10.37 17.48 -3.77
C SER A 197 -9.26 16.72 -4.47
N LEU A 198 -8.58 15.83 -3.75
CA LEU A 198 -7.46 15.10 -4.34
C LEU A 198 -7.92 14.15 -5.43
N ALA A 199 -8.99 13.40 -5.17
CA ALA A 199 -9.44 12.43 -6.16
C ALA A 199 -9.92 13.13 -7.42
N LYS A 200 -10.59 14.28 -7.27
CA LYS A 200 -11.14 14.98 -8.44
C LYS A 200 -10.04 15.62 -9.27
N THR A 201 -9.12 16.34 -8.64
CA THR A 201 -8.00 16.91 -9.39
C THR A 201 -7.17 15.84 -10.05
N THR A 202 -6.93 14.73 -9.35
CA THR A 202 -6.14 13.64 -9.93
C THR A 202 -6.83 13.07 -11.16
N PHE A 203 -8.12 12.81 -11.04
CA PHE A 203 -8.89 12.26 -12.16
C PHE A 203 -8.86 13.21 -13.35
N ASP A 204 -9.11 14.49 -13.08
CA ASP A 204 -9.25 15.46 -14.18
C ASP A 204 -7.93 15.66 -14.91
N GLU A 205 -6.83 15.73 -14.15
CA GLU A 205 -5.52 15.95 -14.75
C GLU A 205 -5.07 14.72 -15.53
N ALA A 206 -5.44 13.51 -15.09
CA ALA A 206 -5.14 12.32 -15.87
C ALA A 206 -5.94 12.31 -17.18
N MET A 207 -7.22 12.62 -17.09
CA MET A 207 -8.08 12.66 -18.27
C MET A 207 -7.50 13.55 -19.35
N ALA A 208 -7.04 14.74 -18.96
CA ALA A 208 -6.54 15.71 -19.93
C ALA A 208 -5.22 15.28 -20.53
N ASP A 209 -4.57 14.24 -19.99
CA ASP A 209 -3.29 13.73 -20.47
C ASP A 209 -3.41 12.41 -21.21
N LEU A 210 -4.60 11.81 -21.28
CA LEU A 210 -4.73 10.51 -21.94
C LEU A 210 -4.34 10.59 -23.41
N HIS A 211 -4.50 11.75 -24.04
CA HIS A 211 -4.22 11.86 -25.48
C HIS A 211 -2.75 11.60 -25.80
N THR A 212 -1.87 11.65 -24.79
CA THR A 212 -0.44 11.43 -25.00
C THR A 212 -0.04 9.96 -24.96
N LEU A 213 -0.98 9.06 -24.68
CA LEU A 213 -0.65 7.67 -24.36
C LEU A 213 -0.95 6.69 -25.48
N SER A 214 -0.14 5.63 -25.51
CA SER A 214 -0.39 4.41 -26.29
C SER A 214 -1.61 3.67 -25.76
N GLU A 215 -2.10 2.71 -26.55
CA GLU A 215 -3.24 1.90 -26.13
C GLU A 215 -2.96 1.17 -24.81
N ASP A 216 -1.75 0.68 -24.63
CA ASP A 216 -1.44 -0.08 -23.42
C ASP A 216 -1.33 0.82 -22.19
N SER A 217 -0.62 1.95 -22.32
CA SER A 217 -0.55 2.89 -21.21
C SER A 217 -1.92 3.47 -20.91
N TYR A 218 -2.73 3.71 -21.94
CA TYR A 218 -4.11 4.17 -21.74
C TYR A 218 -4.88 3.20 -20.84
N LYS A 219 -4.72 1.90 -21.08
CA LYS A 219 -5.39 0.91 -20.24
C LYS A 219 -4.90 0.99 -18.79
N ASP A 220 -3.58 1.04 -18.58
CA ASP A 220 -3.02 1.19 -17.24
C ASP A 220 -3.68 2.36 -16.49
N SER A 221 -3.71 3.53 -17.12
CA SER A 221 -4.19 4.73 -16.45
C SER A 221 -5.68 4.68 -16.20
N THR A 222 -6.46 4.24 -17.20
CA THR A 222 -7.91 4.30 -17.03
C THR A 222 -8.38 3.30 -15.98
N LEU A 223 -7.62 2.21 -15.75
CA LEU A 223 -7.97 1.28 -14.68
C LEU A 223 -7.98 1.96 -13.32
N ILE A 224 -6.94 2.75 -13.02
CA ILE A 224 -6.91 3.43 -11.74
C ILE A 224 -7.92 4.57 -11.72
N MET A 225 -8.12 5.23 -12.86
CA MET A 225 -9.13 6.26 -12.94
C MET A 225 -10.51 5.74 -12.58
N GLN A 226 -10.82 4.49 -12.94
CA GLN A 226 -12.07 3.87 -12.52
C GLN A 226 -12.23 3.88 -11.01
N LEU A 227 -11.15 3.56 -10.28
CA LEU A 227 -11.25 3.52 -8.82
C LEU A 227 -11.43 4.91 -8.24
N LEU A 228 -10.78 5.93 -8.81
CA LEU A 228 -11.04 7.30 -8.41
C LEU A 228 -12.51 7.67 -8.60
N ARG A 229 -13.06 7.31 -9.77
CA ARG A 229 -14.47 7.56 -10.06
C ARG A 229 -15.38 6.86 -9.06
N ASP A 230 -15.08 5.60 -8.75
CA ASP A 230 -15.95 4.86 -7.83
C ASP A 230 -15.99 5.54 -6.47
N ASN A 231 -14.84 6.00 -5.98
CA ASN A 231 -14.83 6.69 -4.70
C ASN A 231 -15.57 8.02 -4.78
N LEU A 232 -15.34 8.81 -5.82
CA LEU A 232 -16.02 10.09 -5.92
C LEU A 232 -17.54 9.89 -5.98
N THR A 233 -17.99 8.83 -6.62
CA THR A 233 -19.43 8.52 -6.69
C THR A 233 -19.97 8.19 -5.30
N LEU A 234 -19.18 7.53 -4.46
CA LEU A 234 -19.58 7.24 -3.08
C LEU A 234 -19.56 8.48 -2.21
N TRP A 235 -18.60 9.36 -2.44
CA TRP A 235 -18.33 10.47 -1.53
C TRP A 235 -19.12 11.72 -1.83
N THR A 236 -19.68 11.84 -3.03
CA THR A 236 -20.45 13.01 -3.42
C THR A 236 -21.87 12.61 -3.83
N ARG B 4 -17.26 1.03 2.16
CA ARG B 4 -15.87 1.40 2.41
C ARG B 4 -15.24 1.92 1.12
N SER B 5 -14.32 2.86 1.25
CA SER B 5 -13.66 3.42 0.08
C SER B 5 -12.71 2.41 -0.52
N LEU B 6 -12.45 2.53 -1.82
CA LEU B 6 -11.64 1.58 -2.54
C LEU B 6 -10.22 2.08 -2.70
N GLU B 8 -6.08 1.12 -4.13
CA GLU B 8 -5.49 0.53 -5.33
C GLU B 8 -5.66 -0.97 -5.26
N ARG B 9 -6.15 -1.55 -6.34
CA ARG B 9 -6.51 -2.95 -6.38
C ARG B 9 -6.66 -3.41 -7.83
#